data_6DIQ
#
_entry.id   6DIQ
#
_cell.length_a   55.455
_cell.length_b   58.482
_cell.length_c   59.900
_cell.angle_alpha   90.00
_cell.angle_beta   90.00
_cell.angle_gamma   90.00
#
_symmetry.space_group_name_H-M   'P 21 21 21'
#
loop_
_entity.id
_entity.type
_entity.pdbx_description
1 polymer 'NS3 protease'
2 non-polymer 'methyl [(2S)-1-{[(2R,6S,12Z,13aS,14aR,16aS)-2-[(7-methoxy-3-methylquinoxalin-2-yl)oxy]-14a-{[(1-methylcyclopropyl)sulfonyl]carbamoyl}-5,16-dioxo-1,2,3,5,6,7,8,9,10,11,13a,14,14a,15,16,16a-hexadecahydrocyclopropa[e]pyrrolo[1,2-a][1,4]diazacyclopentadecin-6-yl]amino}-3,3-dimethyl-1-oxobutan-2-yl]carbamate'
3 non-polymer 'SULFATE ION'
4 non-polymer 'ZINC ION'
5 non-polymer GLYCEROL
6 water water
#
_entity_poly.entity_id   1
_entity_poly.type   'polypeptide(L)'
_entity_poly.pdbx_seq_one_letter_code
;HMASMKKKGSVVIVGRINLSGDTAYAQQTRGEEGCQETSQTGRDKNQVEGEVQIVSTATQTFLATSINGVLWTVYHGAGT
RTIASPKGPVTQMYTNVDKDLVGWQAPQGSRSLTPCTCGSSDLYLVTRHADVIPVRRRGDSRGSLLSPRPISYLKGSSGG
PLLCPAGHAVGIFRAAVSTRGVAKAVDFIPVESLETTMR
;
_entity_poly.pdbx_strand_id   A
#
loop_
_chem_comp.id
_chem_comp.type
_chem_comp.name
_chem_comp.formula
GK7 non-polymer 'methyl [(2S)-1-{[(2R,6S,12Z,13aS,14aR,16aS)-2-[(7-methoxy-3-methylquinoxalin-2-yl)oxy]-14a-{[(1-methylcyclopropyl)sulfonyl]carbamoyl}-5,16-dioxo-1,2,3,5,6,7,8,9,10,11,13a,14,14a,15,16,16a-hexadecahydrocyclopropa[e]pyrrolo[1,2-a][1,4]diazacyclopentadecin-6-yl]amino}-3,3-dimethyl-1-oxobutan-2-yl]carbamate' 'C40 H55 N7 O10 S'
GOL non-polymer GLYCEROL 'C3 H8 O3'
SO4 non-polymer 'SULFATE ION' 'O4 S -2'
ZN non-polymer 'ZINC ION' 'Zn 2'
#
# COMPACT_ATOMS: atom_id res chain seq x y z
N MET A 2 26.89 -17.07 13.91
CA MET A 2 27.33 -16.43 12.67
C MET A 2 26.98 -17.28 11.46
N ALA A 3 27.33 -18.56 11.53
CA ALA A 3 27.09 -19.46 10.42
C ALA A 3 25.61 -19.62 10.12
N SER A 4 24.76 -19.57 11.16
CA SER A 4 23.35 -19.90 11.01
C SER A 4 22.46 -18.67 10.91
N MET A 5 23.04 -17.47 10.84
CA MET A 5 22.20 -16.28 10.85
C MET A 5 21.36 -16.25 9.58
N LYS A 6 20.06 -16.01 9.77
CA LYS A 6 19.10 -16.01 8.67
C LYS A 6 18.97 -14.62 8.06
N LYS A 7 18.31 -14.57 6.90
CA LYS A 7 17.94 -13.33 6.24
C LYS A 7 16.41 -13.26 6.21
N LYS A 8 15.87 -12.05 6.39
CA LYS A 8 14.45 -11.90 6.19
C LYS A 8 14.14 -11.98 4.69
N GLY A 9 12.98 -12.49 4.39
CA GLY A 9 12.56 -12.60 3.02
C GLY A 9 12.16 -11.25 2.47
N SER A 10 11.85 -11.26 1.18
CA SER A 10 11.35 -10.10 0.48
C SER A 10 9.85 -9.94 0.72
N VAL A 11 9.39 -8.71 0.56
CA VAL A 11 7.97 -8.45 0.32
C VAL A 11 7.60 -9.07 -1.02
N VAL A 12 6.40 -9.66 -1.09
CA VAL A 12 5.90 -10.33 -2.30
C VAL A 12 4.54 -9.77 -2.65
N ILE A 13 4.34 -9.44 -3.92
CA ILE A 13 3.01 -9.10 -4.44
C ILE A 13 2.21 -10.37 -4.53
N VAL A 14 1.06 -10.41 -3.86
CA VAL A 14 0.20 -11.59 -3.86
C VAL A 14 -1.16 -11.33 -4.49
N GLY A 15 -1.43 -10.11 -4.92
CA GLY A 15 -2.69 -9.79 -5.54
C GLY A 15 -2.76 -8.32 -5.83
N ARG A 16 -3.96 -7.87 -6.20
CA ARG A 16 -4.17 -6.46 -6.49
C ARG A 16 -5.61 -6.10 -6.19
N ILE A 17 -5.85 -4.79 -6.09
CA ILE A 17 -7.20 -4.25 -6.03
C ILE A 17 -7.51 -3.74 -7.42
N ASN A 18 -8.43 -4.42 -8.10
CA ASN A 18 -8.74 -4.10 -9.49
C ASN A 18 -9.66 -2.90 -9.52
N LEU A 19 -9.16 -1.81 -10.11
CA LEU A 19 -9.90 -0.56 -10.26
C LEU A 19 -10.08 -0.21 -11.73
N SER A 20 -9.95 -1.19 -12.62
CA SER A 20 -9.93 -0.88 -14.04
C SER A 20 -11.33 -0.62 -14.59
N GLY A 21 -12.37 -1.10 -13.92
CA GLY A 21 -13.70 -1.04 -14.50
C GLY A 21 -14.67 -0.32 -13.61
N ASP A 22 -15.94 -0.72 -13.68
CA ASP A 22 -17.00 -0.08 -12.90
C ASP A 22 -17.12 -0.63 -11.49
N THR A 23 -16.47 -1.75 -11.20
CA THR A 23 -16.65 -2.49 -9.95
C THR A 23 -15.26 -2.76 -9.41
N ALA A 24 -15.00 -2.35 -8.18
CA ALA A 24 -13.69 -2.62 -7.58
C ALA A 24 -13.74 -3.97 -6.90
N TYR A 25 -12.68 -4.76 -7.08
CA TYR A 25 -12.65 -6.08 -6.47
C TYR A 25 -11.21 -6.52 -6.29
N ALA A 26 -10.98 -7.27 -5.22
CA ALA A 26 -9.67 -7.86 -4.97
C ALA A 26 -9.46 -9.10 -5.85
N GLN A 27 -8.21 -9.27 -6.27
CA GLN A 27 -7.78 -10.47 -6.99
C GLN A 27 -6.55 -11.01 -6.29
N GLN A 28 -6.52 -12.32 -6.07
CA GLN A 28 -5.30 -12.96 -5.61
C GLN A 28 -4.56 -13.50 -6.82
N THR A 29 -3.25 -13.27 -6.85
CA THR A 29 -2.40 -13.77 -7.93
C THR A 29 -1.37 -14.79 -7.45
N ARG A 30 -1.15 -14.92 -6.13
CA ARG A 30 -0.28 -15.95 -5.60
C ARG A 30 -0.80 -16.44 -4.26
N GLY A 31 -0.78 -17.76 -4.05
CA GLY A 31 -1.21 -18.35 -2.80
C GLY A 31 -0.12 -18.34 -1.74
N GLU A 32 -0.51 -18.79 -0.53
CA GLU A 32 0.36 -18.65 0.64
C GLU A 32 1.67 -19.42 0.47
N GLU A 33 1.59 -20.65 -0.04
CA GLU A 33 2.79 -21.45 -0.20
C GLU A 33 3.75 -20.81 -1.19
N GLY A 34 3.23 -20.43 -2.36
CA GLY A 34 4.07 -19.78 -3.35
C GLY A 34 4.59 -18.44 -2.87
N CYS A 35 3.78 -17.73 -2.08
CA CYS A 35 4.27 -16.51 -1.45
C CYS A 35 5.51 -16.79 -0.61
N GLN A 36 5.44 -17.80 0.27
CA GLN A 36 6.58 -18.08 1.13
C GLN A 36 7.84 -18.40 0.33
N GLU A 37 7.71 -19.21 -0.73
CA GLU A 37 8.86 -19.55 -1.55
C GLU A 37 9.43 -18.32 -2.25
N THR A 38 8.55 -17.47 -2.78
CA THR A 38 8.97 -16.27 -3.49
C THR A 38 9.64 -15.28 -2.54
N SER A 39 9.17 -15.20 -1.30
CA SER A 39 9.80 -14.33 -0.32
C SER A 39 11.24 -14.78 -0.04
N GLN A 40 11.48 -16.08 0.02
CA GLN A 40 12.83 -16.55 0.31
C GLN A 40 13.78 -16.34 -0.87
N THR A 41 13.34 -16.62 -2.10
CA THR A 41 14.23 -16.45 -3.26
C THR A 41 14.32 -15.00 -3.71
N GLY A 42 13.27 -14.22 -3.48
CA GLY A 42 13.20 -12.89 -4.05
C GLY A 42 12.91 -12.86 -5.54
N ARG A 43 12.54 -13.98 -6.16
CA ARG A 43 12.35 -14.09 -7.60
C ARG A 43 10.87 -14.31 -7.87
N ASP A 44 10.22 -13.28 -8.41
CA ASP A 44 8.80 -13.30 -8.70
C ASP A 44 8.63 -13.02 -10.18
N LYS A 45 8.26 -14.04 -10.95
CA LYS A 45 8.06 -13.88 -12.38
C LYS A 45 6.61 -13.60 -12.75
N ASN A 46 5.73 -13.44 -11.77
CA ASN A 46 4.34 -13.20 -12.11
C ASN A 46 4.15 -11.85 -12.76
N GLN A 47 3.17 -11.77 -13.66
CA GLN A 47 2.81 -10.50 -14.26
C GLN A 47 2.17 -9.58 -13.22
N VAL A 48 2.61 -8.32 -13.19
CA VAL A 48 2.03 -7.30 -12.34
C VAL A 48 1.13 -6.40 -13.18
N GLU A 49 -0.02 -6.06 -12.63
CA GLU A 49 -0.92 -5.10 -13.26
C GLU A 49 -1.50 -4.19 -12.20
N GLY A 50 -1.92 -2.99 -12.62
CA GLY A 50 -2.71 -2.12 -11.77
C GLY A 50 -1.88 -1.20 -10.89
N GLU A 51 -2.61 -0.35 -10.17
CA GLU A 51 -2.04 0.68 -9.30
C GLU A 51 -1.87 0.24 -7.84
N VAL A 52 -2.78 -0.58 -7.32
CA VAL A 52 -2.79 -0.95 -5.90
C VAL A 52 -2.51 -2.44 -5.82
N GLN A 53 -1.39 -2.81 -5.21
CA GLN A 53 -1.02 -4.20 -5.02
C GLN A 53 -1.33 -4.65 -3.60
N ILE A 54 -1.66 -5.92 -3.47
CA ILE A 54 -1.69 -6.58 -2.18
C ILE A 54 -0.34 -7.25 -1.98
N VAL A 55 0.31 -6.98 -0.85
CA VAL A 55 1.65 -7.48 -0.60
C VAL A 55 1.70 -8.23 0.72
N SER A 56 2.67 -9.12 0.83
CA SER A 56 2.81 -9.95 2.02
C SER A 56 4.27 -10.18 2.34
N THR A 57 4.54 -10.35 3.63
CA THR A 57 5.76 -10.96 4.13
C THR A 57 5.40 -12.30 4.75
N ALA A 58 6.37 -12.91 5.44
CA ALA A 58 6.05 -14.16 6.11
C ALA A 58 5.03 -13.97 7.22
N THR A 59 4.90 -12.76 7.74
CA THR A 59 4.14 -12.52 8.95
C THR A 59 3.04 -11.48 8.81
N GLN A 60 2.97 -10.75 7.70
N GLN A 60 2.99 -10.72 7.72
CA GLN A 60 2.01 -9.66 7.60
CA GLN A 60 2.03 -9.64 7.59
C GLN A 60 1.55 -9.50 6.16
C GLN A 60 1.51 -9.56 6.17
N THR A 61 0.35 -8.94 6.00
CA THR A 61 -0.16 -8.62 4.67
C THR A 61 -0.79 -7.23 4.73
N PHE A 62 -0.58 -6.46 3.67
CA PHE A 62 -0.97 -5.05 3.61
C PHE A 62 -1.02 -4.66 2.13
N LEU A 63 -1.00 -3.37 1.84
CA LEU A 63 -1.13 -2.88 0.47
C LEU A 63 0.09 -2.06 0.08
N ALA A 64 0.24 -1.85 -1.24
CA ALA A 64 1.25 -0.96 -1.79
C ALA A 64 0.68 -0.27 -3.03
N THR A 65 1.05 0.99 -3.24
CA THR A 65 0.41 1.85 -4.22
C THR A 65 1.48 2.51 -5.09
N SER A 66 1.32 2.42 -6.41
N SER A 66 1.32 2.44 -6.41
CA SER A 66 2.27 3.06 -7.33
CA SER A 66 2.27 3.04 -7.33
C SER A 66 1.84 4.49 -7.59
C SER A 66 1.85 4.48 -7.62
N ILE A 67 2.76 5.42 -7.37
CA ILE A 67 2.58 6.84 -7.64
C ILE A 67 3.88 7.35 -8.25
N ASN A 68 3.79 7.95 -9.43
CA ASN A 68 4.94 8.50 -10.15
C ASN A 68 6.10 7.50 -10.25
N GLY A 69 5.76 6.25 -10.59
CA GLY A 69 6.76 5.27 -10.93
C GLY A 69 7.47 4.65 -9.74
N VAL A 70 6.93 4.84 -8.55
CA VAL A 70 7.43 4.25 -7.31
C VAL A 70 6.29 3.49 -6.67
N LEU A 71 6.58 2.27 -6.23
CA LEU A 71 5.62 1.48 -5.45
C LEU A 71 5.88 1.76 -3.98
N TRP A 72 4.94 2.46 -3.34
CA TRP A 72 5.02 2.94 -1.98
C TRP A 72 4.27 2.03 -1.01
N THR A 73 4.78 1.93 0.21
CA THR A 73 4.02 1.28 1.27
C THR A 73 4.53 1.79 2.61
N VAL A 74 4.08 1.15 3.70
CA VAL A 74 4.41 1.57 5.05
C VAL A 74 5.63 0.82 5.58
N TYR A 75 6.46 1.53 6.33
CA TYR A 75 7.60 0.91 7.00
C TYR A 75 7.16 -0.10 8.05
N HIS A 76 6.01 0.12 8.69
CA HIS A 76 5.59 -0.82 9.74
C HIS A 76 5.12 -2.17 9.16
N GLY A 77 4.90 -2.24 7.85
CA GLY A 77 4.66 -3.47 7.13
C GLY A 77 5.92 -4.04 6.52
N ALA A 78 6.68 -3.22 5.81
CA ALA A 78 7.80 -3.72 5.02
C ALA A 78 9.14 -3.70 5.74
N GLY A 79 9.29 -2.91 6.79
CA GLY A 79 10.63 -2.66 7.29
C GLY A 79 11.54 -2.21 6.19
N THR A 80 12.78 -2.69 6.23
CA THR A 80 13.79 -2.41 5.22
C THR A 80 13.86 -3.49 4.14
N ARG A 81 12.83 -4.31 4.02
N ARG A 81 12.83 -4.32 4.03
CA ARG A 81 12.89 -5.48 3.14
CA ARG A 81 12.90 -5.48 3.14
C ARG A 81 12.99 -5.09 1.66
C ARG A 81 13.00 -5.09 1.66
N THR A 82 13.70 -5.94 0.91
CA THR A 82 13.63 -5.94 -0.54
C THR A 82 12.23 -6.38 -0.98
N ILE A 83 11.93 -6.13 -2.25
CA ILE A 83 10.73 -6.68 -2.88
C ILE A 83 11.14 -7.70 -3.93
N ALA A 84 10.36 -8.78 -4.05
CA ALA A 84 10.64 -9.79 -5.05
C ALA A 84 10.31 -9.26 -6.44
N SER A 85 11.11 -9.66 -7.42
CA SER A 85 10.96 -9.17 -8.79
C SER A 85 11.48 -10.25 -9.73
N PRO A 86 11.19 -10.14 -11.03
CA PRO A 86 11.58 -11.22 -11.95
C PRO A 86 13.07 -11.53 -11.95
N LYS A 87 13.92 -10.56 -11.65
CA LYS A 87 15.36 -10.77 -11.68
C LYS A 87 15.98 -10.84 -10.30
N GLY A 88 15.17 -11.08 -9.26
CA GLY A 88 15.68 -11.17 -7.91
C GLY A 88 15.26 -9.99 -7.06
N PRO A 89 15.74 -9.97 -5.83
CA PRO A 89 15.29 -8.95 -4.88
C PRO A 89 15.74 -7.56 -5.29
N VAL A 90 14.88 -6.60 -5.04
CA VAL A 90 15.11 -5.21 -5.38
C VAL A 90 15.12 -4.40 -4.09
N THR A 91 16.19 -3.65 -3.89
CA THR A 91 16.37 -2.83 -2.68
C THR A 91 15.48 -1.59 -2.71
N GLN A 92 14.97 -1.20 -1.54
CA GLN A 92 14.21 0.04 -1.45
C GLN A 92 15.04 1.18 -2.02
N MET A 93 14.37 2.08 -2.74
CA MET A 93 15.00 3.34 -3.13
C MET A 93 14.62 4.49 -2.22
N TYR A 94 13.58 4.31 -1.40
CA TYR A 94 13.22 5.26 -0.36
C TYR A 94 12.90 4.51 0.92
N THR A 95 13.41 5.02 2.04
CA THR A 95 13.10 4.52 3.38
C THR A 95 13.02 5.70 4.30
N ASN A 96 11.88 5.87 4.99
CA ASN A 96 11.74 6.97 5.96
C ASN A 96 10.87 6.50 7.11
N VAL A 97 11.53 5.97 8.15
CA VAL A 97 10.86 5.50 9.35
C VAL A 97 10.09 6.62 10.04
N ASP A 98 10.57 7.87 9.93
CA ASP A 98 9.89 8.97 10.59
C ASP A 98 8.50 9.23 10.00
N LYS A 99 8.32 8.97 8.72
CA LYS A 99 7.03 9.08 8.05
C LYS A 99 6.30 7.76 7.91
N ASP A 100 6.89 6.65 8.34
CA ASP A 100 6.35 5.31 8.14
C ASP A 100 6.21 4.98 6.66
N LEU A 101 7.24 5.32 5.87
CA LEU A 101 7.15 5.27 4.40
C LEU A 101 8.33 4.55 3.81
N VAL A 102 8.07 3.67 2.85
CA VAL A 102 9.13 3.09 2.03
C VAL A 102 8.67 3.07 0.58
N GLY A 103 9.62 2.91 -0.32
CA GLY A 103 9.29 2.78 -1.73
C GLY A 103 10.35 2.01 -2.49
N TRP A 104 9.88 1.31 -3.51
CA TRP A 104 10.72 0.63 -4.50
C TRP A 104 10.36 1.12 -5.89
N GLN A 105 11.30 0.99 -6.83
CA GLN A 105 10.95 1.25 -8.21
C GLN A 105 9.70 0.45 -8.59
N ALA A 106 8.76 1.07 -9.27
CA ALA A 106 7.51 0.39 -9.58
C ALA A 106 7.74 -0.79 -10.51
N PRO A 107 7.11 -1.94 -10.25
CA PRO A 107 7.35 -3.11 -11.11
C PRO A 107 6.84 -2.91 -12.52
N GLN A 108 7.56 -3.50 -13.48
CA GLN A 108 7.12 -3.53 -14.86
C GLN A 108 5.70 -4.12 -14.95
N GLY A 109 4.83 -3.43 -15.66
CA GLY A 109 3.45 -3.83 -15.79
C GLY A 109 2.51 -3.07 -14.87
N SER A 110 3.01 -2.54 -13.77
CA SER A 110 2.19 -1.72 -12.92
C SER A 110 1.79 -0.44 -13.65
N ARG A 111 0.74 0.18 -13.16
CA ARG A 111 0.34 1.53 -13.55
C ARG A 111 0.39 2.44 -12.34
N SER A 112 0.72 3.71 -12.57
CA SER A 112 0.93 4.67 -11.49
C SER A 112 -0.20 5.68 -11.44
N LEU A 113 -0.57 6.03 -10.23
CA LEU A 113 -1.43 7.16 -9.97
C LEU A 113 -0.63 8.45 -10.11
N THR A 114 -1.35 9.52 -10.39
CA THR A 114 -0.79 10.85 -10.50
C THR A 114 -1.06 11.62 -9.21
N PRO A 115 -0.07 12.32 -8.65
CA PRO A 115 -0.33 13.11 -7.43
C PRO A 115 -1.39 14.17 -7.68
N CYS A 116 -2.27 14.32 -6.69
CA CYS A 116 -3.37 15.25 -6.79
C CYS A 116 -2.87 16.68 -6.65
N THR A 117 -3.40 17.57 -7.51
CA THR A 117 -3.18 19.00 -7.39
C THR A 117 -4.50 19.76 -7.31
N CYS A 118 -5.60 19.05 -7.02
CA CYS A 118 -6.94 19.63 -7.01
C CYS A 118 -7.19 20.53 -5.80
N GLY A 119 -6.50 20.31 -4.69
CA GLY A 119 -6.82 21.04 -3.46
C GLY A 119 -8.20 20.75 -2.89
N SER A 120 -8.73 19.54 -3.13
CA SER A 120 -10.09 19.11 -2.80
C SER A 120 -10.05 18.30 -1.51
N SER A 121 -11.10 18.41 -0.69
CA SER A 121 -11.13 17.68 0.57
C SER A 121 -12.13 16.53 0.59
N ASP A 122 -12.76 16.19 -0.54
CA ASP A 122 -13.65 15.02 -0.60
C ASP A 122 -12.84 13.87 -1.18
N LEU A 123 -12.46 12.92 -0.32
CA LEU A 123 -11.54 11.84 -0.66
C LEU A 123 -12.21 10.48 -0.59
N TYR A 124 -11.45 9.47 -1.05
CA TYR A 124 -11.91 8.10 -1.10
C TYR A 124 -10.76 7.20 -0.73
N LEU A 125 -10.96 6.35 0.27
CA LEU A 125 -9.96 5.40 0.72
C LEU A 125 -10.28 4.03 0.13
N VAL A 126 -9.27 3.37 -0.43
CA VAL A 126 -9.44 2.04 -1.02
C VAL A 126 -8.81 1.01 -0.10
N THR A 127 -9.60 0.02 0.33
CA THR A 127 -9.13 -1.00 1.26
C THR A 127 -8.73 -2.27 0.51
N ARG A 128 -8.11 -3.19 1.27
CA ARG A 128 -7.65 -4.46 0.72
C ARG A 128 -8.81 -5.37 0.32
N HIS A 129 -10.03 -5.05 0.75
CA HIS A 129 -11.21 -5.79 0.34
C HIS A 129 -11.92 -5.10 -0.82
N ALA A 130 -11.29 -4.07 -1.38
CA ALA A 130 -11.80 -3.27 -2.49
C ALA A 130 -13.01 -2.45 -2.11
N ASP A 131 -13.16 -2.14 -0.83
CA ASP A 131 -14.16 -1.18 -0.40
C ASP A 131 -13.62 0.21 -0.73
N VAL A 132 -14.51 1.09 -1.18
CA VAL A 132 -14.14 2.46 -1.50
C VAL A 132 -14.89 3.32 -0.50
N ILE A 133 -14.16 3.89 0.46
CA ILE A 133 -14.70 4.49 1.67
C ILE A 133 -14.61 6.01 1.52
N PRO A 134 -15.73 6.73 1.44
CA PRO A 134 -15.64 8.20 1.46
C PRO A 134 -15.02 8.71 2.76
N VAL A 135 -14.12 9.69 2.60
CA VAL A 135 -13.35 10.30 3.68
C VAL A 135 -13.31 11.80 3.43
N ARG A 136 -13.68 12.59 4.44
CA ARG A 136 -13.55 14.03 4.37
C ARG A 136 -12.18 14.42 4.95
N ARG A 137 -11.39 15.14 4.14
CA ARG A 137 -10.09 15.57 4.63
C ARG A 137 -10.28 16.58 5.75
N ARG A 138 -9.56 16.36 6.85
CA ARG A 138 -9.70 17.18 8.06
C ARG A 138 -8.42 17.88 8.47
N GLY A 139 -7.32 17.61 7.78
CA GLY A 139 -6.07 18.30 8.03
C GLY A 139 -5.04 17.82 7.03
N ASP A 140 -3.79 18.21 7.25
CA ASP A 140 -2.73 17.77 6.34
C ASP A 140 -2.66 16.25 6.22
N SER A 141 -2.85 15.53 7.32
CA SER A 141 -2.64 14.07 7.33
C SER A 141 -3.80 13.32 7.98
N ARG A 142 -4.96 13.93 8.08
CA ARG A 142 -6.12 13.33 8.74
C ARG A 142 -7.37 13.46 7.88
N GLY A 143 -8.22 12.44 7.93
CA GLY A 143 -9.53 12.49 7.32
C GLY A 143 -10.51 11.72 8.17
N SER A 144 -11.77 12.13 8.12
CA SER A 144 -12.82 11.46 8.85
C SER A 144 -13.61 10.53 7.92
N LEU A 145 -13.96 9.35 8.42
CA LEU A 145 -14.84 8.48 7.68
C LEU A 145 -16.26 9.02 7.72
N LEU A 146 -16.90 9.12 6.56
CA LEU A 146 -18.29 9.55 6.59
C LEU A 146 -19.16 8.53 7.30
N SER A 147 -18.82 7.25 7.18
CA SER A 147 -19.51 6.16 7.87
C SER A 147 -18.46 5.40 8.66
N PRO A 148 -18.31 5.66 9.95
CA PRO A 148 -17.29 4.94 10.73
C PRO A 148 -17.48 3.43 10.66
N ARG A 149 -16.38 2.72 10.88
CA ARG A 149 -16.35 1.27 10.83
C ARG A 149 -15.41 0.70 11.87
N PRO A 150 -15.68 -0.51 12.34
CA PRO A 150 -14.73 -1.15 13.26
C PRO A 150 -13.35 -1.22 12.63
N ILE A 151 -12.31 -1.11 13.48
CA ILE A 151 -10.95 -1.13 12.95
C ILE A 151 -10.65 -2.43 12.23
N SER A 152 -11.36 -3.51 12.57
CA SER A 152 -11.21 -4.77 11.85
C SER A 152 -11.35 -4.62 10.35
N TYR A 153 -12.19 -3.69 9.90
N TYR A 153 -12.20 -3.68 9.93
CA TYR A 153 -12.44 -3.53 8.47
CA TYR A 153 -12.51 -3.43 8.53
C TYR A 153 -11.33 -2.77 7.76
C TYR A 153 -11.31 -2.83 7.79
N LEU A 154 -10.48 -2.07 8.50
CA LEU A 154 -9.35 -1.36 7.92
C LEU A 154 -8.03 -2.09 8.08
N LYS A 155 -7.97 -3.06 8.99
CA LYS A 155 -6.74 -3.80 9.23
C LYS A 155 -6.27 -4.48 7.95
N GLY A 156 -4.99 -4.32 7.65
CA GLY A 156 -4.40 -4.86 6.44
C GLY A 156 -4.48 -3.93 5.24
N SER A 157 -4.96 -2.70 5.43
CA SER A 157 -5.08 -1.78 4.31
C SER A 157 -4.04 -0.66 4.35
N SER A 158 -3.14 -0.65 5.34
CA SER A 158 -2.07 0.33 5.29
C SER A 158 -1.30 0.15 3.98
N GLY A 159 -0.84 1.28 3.43
CA GLY A 159 -0.19 1.30 2.15
C GLY A 159 -1.14 1.56 0.98
N GLY A 160 -2.45 1.48 1.21
CA GLY A 160 -3.44 1.78 0.19
C GLY A 160 -3.61 3.27 -0.02
N PRO A 161 -4.30 3.63 -1.11
CA PRO A 161 -4.43 5.05 -1.45
C PRO A 161 -5.66 5.73 -0.88
N LEU A 162 -5.50 7.03 -0.64
CA LEU A 162 -6.62 7.97 -0.60
C LEU A 162 -6.58 8.74 -1.90
N LEU A 163 -7.73 8.79 -2.57
CA LEU A 163 -7.89 9.38 -3.89
C LEU A 163 -8.82 10.57 -3.82
N CYS A 164 -8.66 11.48 -4.75
CA CYS A 164 -9.60 12.59 -4.93
C CYS A 164 -10.73 12.16 -5.87
N PRO A 165 -11.74 13.02 -6.08
CA PRO A 165 -12.83 12.61 -6.98
C PRO A 165 -12.38 12.26 -8.38
N ALA A 166 -11.29 12.85 -8.85
CA ALA A 166 -10.75 12.61 -10.18
C ALA A 166 -9.80 11.42 -10.23
N GLY A 167 -9.59 10.75 -9.11
CA GLY A 167 -8.77 9.56 -9.13
C GLY A 167 -7.29 9.81 -8.98
N HIS A 168 -6.88 11.01 -8.60
CA HIS A 168 -5.49 11.28 -8.27
C HIS A 168 -5.15 10.78 -6.87
N ALA A 169 -3.87 10.51 -6.63
CA ALA A 169 -3.41 10.10 -5.30
C ALA A 169 -3.26 11.31 -4.40
N VAL A 170 -3.91 11.28 -3.25
CA VAL A 170 -3.82 12.32 -2.24
C VAL A 170 -2.93 11.88 -1.08
N GLY A 171 -2.86 10.57 -0.83
CA GLY A 171 -2.05 10.09 0.27
C GLY A 171 -2.03 8.58 0.33
N ILE A 172 -1.22 8.09 1.28
CA ILE A 172 -1.05 6.67 1.57
C ILE A 172 -1.59 6.41 2.97
N PHE A 173 -2.54 5.48 3.10
CA PHE A 173 -3.14 5.15 4.39
C PHE A 173 -2.07 4.60 5.33
N ARG A 174 -1.96 5.21 6.52
CA ARG A 174 -0.92 4.85 7.48
C ARG A 174 -1.46 4.21 8.76
N ALA A 175 -2.52 4.79 9.35
CA ALA A 175 -2.99 4.38 10.66
C ALA A 175 -4.45 4.80 10.82
N ALA A 176 -5.18 4.03 11.63
CA ALA A 176 -6.55 4.36 12.00
C ALA A 176 -6.57 5.08 13.34
N VAL A 177 -7.54 5.97 13.50
CA VAL A 177 -7.78 6.67 14.75
C VAL A 177 -9.03 6.03 15.32
N SER A 178 -8.91 5.30 16.42
CA SER A 178 -10.04 4.51 16.89
C SER A 178 -10.46 4.93 18.28
N THR A 179 -11.78 4.98 18.47
CA THR A 179 -12.39 5.17 19.77
C THR A 179 -13.21 3.93 20.05
N ARG A 180 -12.87 3.21 21.13
CA ARG A 180 -13.59 2.00 21.51
C ARG A 180 -13.70 1.02 20.33
N GLY A 181 -12.62 0.93 19.57
CA GLY A 181 -12.52 0.00 18.47
C GLY A 181 -13.15 0.43 17.16
N VAL A 182 -13.73 1.63 17.10
CA VAL A 182 -14.36 2.14 15.90
C VAL A 182 -13.44 3.17 15.27
N ALA A 183 -13.19 3.04 13.98
CA ALA A 183 -12.39 4.02 13.25
C ALA A 183 -13.32 5.14 12.77
N LYS A 184 -13.21 6.29 13.41
CA LYS A 184 -13.92 7.47 12.95
C LYS A 184 -13.04 8.31 12.04
N ALA A 185 -11.72 8.11 12.07
CA ALA A 185 -10.79 8.91 11.29
C ALA A 185 -9.59 8.07 10.93
N VAL A 186 -8.86 8.55 9.92
CA VAL A 186 -7.65 7.90 9.44
C VAL A 186 -6.53 8.92 9.39
N ASP A 187 -5.33 8.40 9.53
CA ASP A 187 -4.05 9.09 9.41
C ASP A 187 -3.40 8.62 8.13
N PHE A 188 -2.92 9.55 7.29
CA PHE A 188 -2.30 9.18 6.03
C PHE A 188 -1.07 10.03 5.77
N ILE A 189 -0.18 9.47 4.93
CA ILE A 189 1.03 10.14 4.48
C ILE A 189 0.62 10.99 3.28
N PRO A 190 0.67 12.32 3.36
CA PRO A 190 0.25 13.13 2.20
C PRO A 190 1.16 12.90 1.02
N VAL A 191 0.56 12.96 -0.18
CA VAL A 191 1.33 12.74 -1.41
C VAL A 191 2.45 13.76 -1.52
N GLU A 192 2.28 14.95 -0.94
CA GLU A 192 3.35 15.94 -1.01
C GLU A 192 4.60 15.47 -0.29
N SER A 193 4.44 14.63 0.75
CA SER A 193 5.60 14.10 1.44
C SER A 193 6.32 13.08 0.60
N LEU A 194 5.57 12.28 -0.17
CA LEU A 194 6.18 11.41 -1.18
C LEU A 194 6.91 12.22 -2.24
N GLU A 195 6.25 13.25 -2.77
CA GLU A 195 6.85 14.05 -3.84
C GLU A 195 8.15 14.69 -3.36
N THR A 196 8.19 15.13 -2.10
CA THR A 196 9.40 15.66 -1.52
C THR A 196 10.49 14.59 -1.43
N THR A 197 10.12 13.46 -0.85
CA THR A 197 11.02 12.34 -0.70
C THR A 197 11.71 12.02 -2.03
N MET A 198 10.95 12.11 -3.12
CA MET A 198 11.49 11.82 -4.44
C MET A 198 12.53 12.86 -4.84
C10 GK7 B . 2.42 3.42 13.29
C13 GK7 B . 0.82 0.80 12.85
C20 GK7 B . -5.92 -0.23 12.77
C21 GK7 B . -6.41 -0.76 11.40
C22 GK7 B . -3.05 0.26 9.65
C24 GK7 B . -1.59 0.48 11.74
C26 GK7 B . -2.76 -1.17 9.16
C01 GK7 B . -0.06 1.49 14.80
C02 GK7 B . -3.14 2.26 15.21
C03 GK7 B . -4.04 -0.13 15.17
C04 GK7 B . -5.70 -1.43 13.72
C05 GK7 B . -5.76 -0.51 10.24
C06 GK7 B . -4.47 0.32 10.23
C07 GK7 B . -4.19 0.84 8.81
C08 GK7 B . 1.47 5.83 12.77
C09 GK7 B . 2.65 4.86 12.80
C12 GK7 B . 1.08 1.66 14.11
C14 GK7 B . -0.59 1.42 12.44
C16 GK7 B . -2.61 2.06 13.80
C18 GK7 B . -4.36 1.38 15.40
C19 GK7 B . -5.38 -0.93 15.16
C32 GK7 B . 0.04 -4.01 9.35
C33 GK7 B . 0.62 -5.14 8.49
C34 GK7 B . 1.23 -3.73 8.43
C36 GK7 B . -2.96 4.47 16.44
C38 GK7 B . -3.52 5.89 16.63
C41 GK7 B . 4.83 2.91 12.93
C42 GK7 B . 5.99 1.89 12.98
C43 GK7 B . 7.38 2.34 12.53
C45 GK7 B . 8.09 0.14 13.00
C46 GK7 B . 7.64 3.77 12.04
C47 GK7 B . 6.49 4.77 11.99
C48 GK7 B . 5.07 4.32 12.45
C50 GK7 B . 0.34 -4.03 10.87
C51 GK7 B . -2.49 6.97 16.28
C52 GK7 B . -5.27 5.60 18.38
C55 GK7 B . -6.95 5.17 20.02
C56 GK7 B . -2.01 6.83 14.80
C57 GK7 B . -1.30 6.81 17.25
C58 GK7 B . -3.16 8.36 16.45
N15 GK7 B . -1.17 1.69 13.60
N23 GK7 B . -2.01 0.94 10.41
N28 GK7 B . -1.69 -1.77 9.41
N35 GK7 B . -3.59 3.62 15.40
N39 GK7 B . -3.91 5.99 18.01
N40 GK7 B . 3.50 2.47 13.35
N49 GK7 B . 3.97 5.28 12.39
O11 GK7 B . 1.13 3.06 13.69
O17 GK7 B . -3.34 2.19 12.88
O25 GK7 B . -2.02 -0.50 12.25
O27 GK7 B . -3.71 -1.81 8.37
O30 GK7 B . -2.63 -4.18 9.24
O31 GK7 B . -1.63 -3.37 7.33
O37 GK7 B . -2.09 4.07 17.11
O44 GK7 B . 8.44 1.44 12.59
O53 GK7 B . -6.10 5.48 17.54
O54 GK7 B . -5.58 5.36 19.74
S29 GK7 B . -1.55 -3.34 8.77
H132 GK7 B . 1.48 0.95 12.17
H131 GK7 B . 0.73 -0.14 13.07
H201 GK7 B . -6.61 0.36 13.14
H202 GK7 B . -5.11 0.26 12.68
H211 GK7 B . -7.19 -1.27 11.37
H011 GK7 B . -0.11 0.60 15.17
H012 GK7 B . -0.15 2.17 15.48
H021 GK7 B . -2.46 2.04 15.87
H032 GK7 B . -3.47 -0.45 15.90
H031 GK7 B . -3.58 -0.26 14.33
H041 GK7 B . -4.96 -1.97 13.40
H042 GK7 B . -6.50 -1.97 13.75
H051 GK7 B . -6.10 -0.85 9.45
H061 GK7 B . -4.55 1.09 10.81
H071 GK7 B . -4.52 0.28 8.09
H072 GK7 B . -4.18 1.80 8.72
H083 GK7 B . 1.52 6.38 11.97
H082 GK7 B . 1.49 6.40 13.55
H081 GK7 B . 0.64 5.33 12.75
H121 GK7 B . 1.85 1.35 14.62
H141 GK7 B . -0.47 2.24 11.93
H181 GK7 B . -5.05 1.65 14.77
H182 GK7 B . -4.71 1.50 16.30
H191 GK7 B . -5.30 -1.70 15.75
H192 GK7 B . -6.09 -0.36 15.46
H332 GK7 B . 1.13 -5.79 8.98
H331 GK7 B . 0.08 -5.40 7.74
H342 GK7 B . 2.08 -3.62 8.86
H341 GK7 B . 1.01 -3.23 7.62
H381 GK7 B . -4.30 5.99 16.06
H421 GK7 B . 5.84 1.02 13.28
H452 GK7 B . 8.88 -0.41 12.96
H453 GK7 B . 7.42 -0.23 12.40
H451 GK7 B . 7.75 0.15 13.90
H461 GK7 B . 8.49 4.03 11.78
H471 GK7 B . 6.63 5.63 11.69
H501 GK7 B . 0.17 -3.14 11.24
H502 GK7 B . 1.27 -4.27 11.01
H503 GK7 B . -0.24 -4.67 11.29
H551 GK7 B . -7.08 5.12 20.98
H553 GK7 B . -7.27 4.35 19.60
H552 GK7 B . -7.45 5.92 19.66
H563 GK7 B . -2.77 6.91 14.21
H562 GK7 B . -1.60 5.95 14.68
H561 GK7 B . -1.37 7.52 14.61
H572 GK7 B . -0.69 7.55 17.11
H573 GK7 B . -0.83 5.98 17.07
H571 GK7 B . -1.60 6.82 18.17
H581 GK7 B . -3.87 8.46 15.81
H583 GK7 B . -2.49 9.06 16.30
H582 GK7 B . -3.50 8.44 17.35
H231 GK7 B . -1.71 1.69 10.13
H351 GK7 B . -4.24 3.94 14.93
H391 GK7 B . -3.48 6.52 18.53
S SO4 C . -10.17 -13.16 -10.46
O1 SO4 C . -10.02 -14.30 -11.32
O2 SO4 C . -10.45 -11.97 -11.28
O3 SO4 C . -11.28 -13.45 -9.57
O4 SO4 C . -8.95 -12.97 -9.69
S SO4 D . 20.14 1.55 1.43
O1 SO4 D . 20.79 1.48 0.11
O2 SO4 D . 20.38 2.84 2.07
O3 SO4 D . 18.70 1.36 1.25
O4 SO4 D . 20.69 0.52 2.33
ZN ZN E . -7.10 15.53 -7.71
C1 GOL F . 7.25 9.92 -13.63
O1 GOL F . 6.65 10.71 -12.62
C2 GOL F . 6.66 8.53 -13.60
O2 GOL F . 5.60 8.41 -14.51
C3 GOL F . 7.76 7.52 -13.88
O3 GOL F . 7.19 6.32 -14.36
H11 GOL F . 7.08 10.38 -14.60
H12 GOL F . 8.32 9.87 -13.47
HO1 GOL F . 7.08 11.60 -12.61
H2 GOL F . 6.28 8.35 -12.60
HO2 GOL F . 5.93 8.55 -15.43
H31 GOL F . 8.45 7.92 -14.63
H32 GOL F . 8.33 7.32 -12.98
HO3 GOL F . 7.90 5.67 -14.56
#